data_7LY0
#
_entry.id   7LY0
#
_cell.length_a   1.00
_cell.length_b   1.00
_cell.length_c   1.00
_cell.angle_alpha   90.00
_cell.angle_beta   90.00
_cell.angle_gamma   90.00
#
_symmetry.space_group_name_H-M   'P 1'
#
loop_
_entity.id
_entity.type
_entity.pdbx_description
1 polymer 'Spike glycoprotein'
2 polymer 'S2M28 Fab Light Chain variable region'
3 polymer 'S2M28 Fab Heavy Chain variable region'
4 branched alpha-D-mannopyranose-(1-4)-2-acetamido-2-deoxy-beta-D-glucopyranose-(1-4)-[alpha-L-fucopyranose-(1-6)]2-acetamido-2-deoxy-beta-D-glucopyranose
5 non-polymer 2-acetamido-2-deoxy-beta-D-glucopyranose
#
loop_
_entity_poly.entity_id
_entity_poly.type
_entity_poly.pdbx_seq_one_letter_code
_entity_poly.pdbx_strand_id
1 'polypeptide(L)'
;MFVFLVLLPLVSSQCVNLTTRTQLPPAYTNSFTRGVYYPDKVFRSSVLHSTQDLFLPFFSNVTWFHAIHVSGTNGTKRFD
NPVLPFNDGVYFASTEKSNIIRGWIFGTTLDSKTQSLLIVNNATNVVIKVCEFQFCNDPFLGVYYHKNNKSWMESEFRVY
SSANNCTFEYVSQPFLMDLEGKQGNFKNLREFVFKNIDGYFKIYSKHTPINLVRDLPQGFSALEPLVDLPIGINITRFQT
LLALHRSYLTPGDSSSGWTAGAAAYYVGYLQPRTFLLKYNENGTITDAVDCALDPLSETKCTLKSFTVEKGIYQTSNFRV
QPTESIVRFPNITNLCPFGEVFNATRFASVYAWNRKRISNCVADYSVLYNSASFSTFKCYGVSPTKLNDLCFTNVYADSF
VIRGDEVRQIAPGQTGKIADYNYKLPDDFTGCVIAWNSNNLDSKVGGNYNYLYRLFRKSNLKPFERDISTEIYQAGSTPC
NGVEGFNCYFPLQSYGFQPTNGVGYQPYRVVVLSFELLHAPATVCGPKKSTNLVKNKCVNFNFNGLTGTGVLTESNKKFL
PFQQFGRDIADTTDAVRDPQTLEILDITPCSFGGVSVITPGTNTSNQVAVLYQDVNCTEVPVAIHADQLTPTWRVYSTGS
NVFQTRAGCLIGAEHVNNSYECDIPIGAGICASYQTQTNSPGSASSVASQSIIAYTMSLGAENSVAYSNNSIAIPTNFTI
SVTTEILPVSMTKTSVDCTMYICGDSTECSNLLLQYGSFCTQLNRALTGIAVEQDKNTQEVFAQVKQIYKTPPIKDFGGF
NFSQILPDPSKPSKRSPIEDLLFNKVTLADAGFIKQYGDCLGDIAARDLICAQKFNGLTVLPPLLTDEMIAQYTSALLAG
TITSGWTFGAGPALQIPFPMQMAYRFNGIGVTQNVLYENQKLIANQFNSAIGKIQDSLSSTPSALGKLQDVVNQNAQALN
TLVKQLSSNFGAISSVLNDILSRLDPPEAEVQIDRLITGRLQSLQTYVTQQLIRAAEIRASANLAATKMSECVLGQSKRV
DFCGKGYHLMSFPQSAPHGVVFLHVTYVPAQEKNFTTAPAICHDGKAHFPREGVFVSNGTHWFVTQRNFYEPQIITTDNT
FVSGNCDVVIGIVNNTVYDPLQPELDSFKEELDKYFKNHTSPDVDLGDISGINASVVNIQKEIDRLNEVAKNLNESLIDL
QELGKYEQGSGYIPEAPRDGQAYVRKDGEWVLLSTFLGRSLEVLFQGPGHHHHHHHHSAWSHPQFEKGGGSGGGGSGGSA
WSHPQFEK
;
A
2 'polypeptide(L)'
;YELTQPPSVSVSPGQTARITCSGDALAKHYAYWYRQKPGQAPVLVIYKDSERPSGIPERFSGSSSGTTVTLTISGVQAED
EADYYCQSADSIGSSWVFGGGTKLTV
;
L
3 'polypeptide(L)'
;VQLVESGGGVVQPGRSLRLSCAASGFTFSSYGMHWVRQAPGKGLEWVTVIWYDGSNRYYADSVKGRFTISRDNSKNTLYL
QMDSLRAEDTAVYYCARAVAGEWYFDYWGQGTLVTVS
;
H
#
# COMPACT_ATOMS: atom_id res chain seq x y z
N GLN A 14 1.86 -9.96 -10.85
CA GLN A 14 2.89 -9.02 -11.27
C GLN A 14 4.18 -9.20 -10.46
N CYS A 15 5.19 -8.39 -10.76
CA CYS A 15 6.49 -8.45 -10.10
C CYS A 15 6.78 -7.16 -9.32
N VAL A 16 7.61 -7.28 -8.28
CA VAL A 16 8.00 -6.13 -7.49
C VAL A 16 9.53 -5.97 -7.54
N ASN A 17 10.00 -4.74 -7.77
CA ASN A 17 11.42 -4.43 -7.82
C ASN A 17 11.96 -4.17 -6.41
N LEU A 18 12.75 -5.11 -5.88
CA LEU A 18 13.24 -5.03 -4.50
C LEU A 18 14.73 -4.73 -4.42
N THR A 19 15.51 -5.23 -5.38
CA THR A 19 16.97 -5.06 -5.31
C THR A 19 17.35 -3.60 -5.20
N THR A 20 18.22 -3.31 -4.24
CA THR A 20 18.71 -1.96 -4.01
C THR A 20 20.12 -1.78 -4.56
N ARG A 21 20.56 -0.53 -4.65
CA ARG A 21 21.91 -0.19 -5.12
C ARG A 21 22.91 -0.28 -3.98
N ILE A 68 17.13 -10.20 3.00
CA ILE A 68 16.22 -9.17 3.51
C ILE A 68 16.86 -8.52 4.73
N HIS A 69 17.08 -7.20 4.65
CA HIS A 69 17.72 -6.44 5.74
C HIS A 69 17.09 -5.06 5.85
N VAL A 70 16.96 -4.56 7.09
CA VAL A 70 16.39 -3.24 7.35
C VAL A 70 17.32 -2.45 8.28
N GLY A 75 16.16 2.52 10.22
CA GLY A 75 15.77 1.23 9.65
C GLY A 75 15.69 1.29 8.13
N THR A 76 16.82 1.61 7.48
CA THR A 76 16.91 1.72 6.02
C THR A 76 16.78 0.36 5.35
N LYS A 77 15.95 0.30 4.32
CA LYS A 77 15.72 -0.94 3.57
C LYS A 77 16.90 -1.31 2.70
N ARG A 78 17.27 -2.59 2.74
CA ARG A 78 18.26 -3.16 1.83
C ARG A 78 17.75 -4.50 1.32
N PHE A 79 18.07 -4.81 0.07
CA PHE A 79 17.67 -6.10 -0.47
C PHE A 79 18.68 -6.59 -1.48
N ASP A 80 19.18 -7.79 -1.25
CA ASP A 80 20.12 -8.43 -2.16
C ASP A 80 19.94 -9.93 -2.09
N ASN A 81 19.24 -10.48 -3.06
CA ASN A 81 18.95 -11.90 -3.10
C ASN A 81 19.28 -12.46 -4.47
N PRO A 82 20.57 -12.52 -4.79
CA PRO A 82 21.14 -12.63 -6.11
C PRO A 82 20.91 -14.00 -6.70
N VAL A 83 20.98 -14.08 -8.02
CA VAL A 83 20.96 -15.37 -8.69
C VAL A 83 22.37 -15.94 -8.66
N LEU A 84 22.49 -17.16 -8.15
CA LEU A 84 23.79 -17.77 -7.98
C LEU A 84 24.01 -18.87 -9.01
N PRO A 85 25.27 -19.15 -9.36
CA PRO A 85 25.69 -20.21 -10.24
C PRO A 85 25.45 -21.58 -9.60
N PHE A 86 25.20 -22.59 -10.43
CA PHE A 86 24.94 -23.95 -10.00
C PHE A 86 25.90 -24.93 -10.68
N TYR A 91 26.61 -26.63 -1.00
CA TYR A 91 25.25 -27.05 -0.61
C TYR A 91 24.52 -25.84 -0.07
N PHE A 92 23.21 -25.95 0.11
CA PHE A 92 22.42 -24.86 0.68
C PHE A 92 22.05 -25.16 2.12
N ALA A 93 22.11 -24.15 2.98
CA ALA A 93 21.68 -24.31 4.37
C ALA A 93 21.17 -23.00 4.93
N SER A 94 20.28 -23.10 5.91
CA SER A 94 19.76 -21.91 6.57
C SER A 94 19.41 -22.17 8.03
N THR A 95 19.78 -21.23 8.89
CA THR A 95 19.42 -21.32 10.30
C THR A 95 18.44 -20.21 10.66
N GLU A 96 17.25 -20.61 11.09
CA GLU A 96 16.21 -19.65 11.41
C GLU A 96 15.09 -20.29 12.21
N LYS A 97 14.32 -19.46 12.91
CA LYS A 97 13.13 -19.92 13.60
C LYS A 97 11.87 -19.34 12.99
N SER A 98 12.04 -18.48 11.98
CA SER A 98 10.93 -17.73 11.42
C SER A 98 10.36 -18.32 10.13
N ASN A 99 10.91 -19.45 9.69
CA ASN A 99 10.45 -20.09 8.45
C ASN A 99 10.43 -19.10 7.29
N ILE A 100 11.57 -18.47 7.04
CA ILE A 100 11.67 -17.48 5.98
C ILE A 100 11.98 -18.14 4.65
N ILE A 101 12.84 -19.15 4.65
CA ILE A 101 13.13 -19.82 3.40
C ILE A 101 11.95 -20.69 3.02
N ARG A 102 11.42 -20.46 1.83
CA ARG A 102 10.23 -21.21 1.39
C ARG A 102 10.53 -22.08 0.19
N GLY A 103 11.52 -21.73 -0.60
CA GLY A 103 11.76 -22.51 -1.80
C GLY A 103 12.94 -22.01 -2.62
N TRP A 104 13.07 -22.56 -3.82
CA TRP A 104 14.15 -22.23 -4.72
C TRP A 104 13.71 -22.27 -6.17
N ILE A 105 14.40 -21.51 -7.00
CA ILE A 105 14.22 -21.58 -8.45
C ILE A 105 15.50 -22.11 -9.09
N PHE A 106 15.37 -23.16 -9.90
CA PHE A 106 16.52 -23.70 -10.60
C PHE A 106 16.30 -23.67 -12.11
N GLY A 107 17.26 -23.13 -12.85
CA GLY A 107 17.11 -23.07 -14.30
C GLY A 107 18.35 -22.49 -14.97
N THR A 108 18.17 -21.96 -16.16
CA THR A 108 19.25 -21.37 -16.93
C THR A 108 19.00 -19.89 -17.16
N THR A 109 18.14 -19.57 -18.11
CA THR A 109 17.80 -18.19 -18.39
C THR A 109 16.84 -17.64 -17.34
N LEU A 110 16.12 -18.55 -16.68
CA LEU A 110 15.13 -18.18 -15.68
C LEU A 110 14.05 -17.28 -16.27
N ASP A 111 13.68 -17.55 -17.52
CA ASP A 111 12.61 -16.83 -18.18
C ASP A 111 11.84 -17.78 -19.09
N SER A 112 10.85 -17.25 -19.81
CA SER A 112 9.92 -18.07 -20.58
C SER A 112 10.55 -18.84 -21.73
N LYS A 113 11.82 -18.55 -22.04
CA LYS A 113 12.48 -19.19 -23.17
C LYS A 113 12.80 -20.66 -22.91
N THR A 114 13.04 -21.02 -21.66
CA THR A 114 13.44 -22.38 -21.33
C THR A 114 12.66 -22.92 -20.14
N GLN A 115 12.72 -24.22 -19.91
CA GLN A 115 12.06 -24.81 -18.76
C GLN A 115 12.87 -24.61 -17.49
N SER A 116 12.18 -24.30 -16.40
CA SER A 116 12.80 -24.12 -15.10
C SER A 116 12.06 -24.91 -14.03
N LEU A 117 12.78 -25.26 -12.98
CA LEU A 117 12.26 -26.02 -11.86
C LEU A 117 11.94 -25.11 -10.68
N LEU A 118 10.67 -25.15 -10.25
CA LEU A 118 10.23 -24.32 -9.13
C LEU A 118 9.82 -25.17 -7.94
N ILE A 119 10.52 -24.99 -6.82
CA ILE A 119 10.22 -25.73 -5.61
C ILE A 119 9.71 -24.78 -4.52
N VAL A 120 8.46 -24.94 -4.13
CA VAL A 120 7.87 -24.06 -3.10
C VAL A 120 7.19 -24.84 -1.99
N ASN A 121 7.55 -24.51 -0.75
CA ASN A 121 6.89 -25.09 0.42
C ASN A 121 5.89 -24.10 1.02
N ASN A 122 4.81 -24.64 1.58
CA ASN A 122 3.83 -23.85 2.33
C ASN A 122 3.40 -24.59 3.60
N ALA A 123 2.35 -24.11 4.24
CA ALA A 123 1.91 -24.62 5.54
C ALA A 123 1.50 -26.09 5.53
N THR A 124 0.96 -26.58 4.42
CA THR A 124 0.40 -27.93 4.42
C THR A 124 1.10 -28.90 3.46
N ASN A 125 1.79 -28.37 2.45
CA ASN A 125 2.41 -29.26 1.47
C ASN A 125 3.57 -28.57 0.74
N VAL A 126 4.19 -29.32 -0.16
CA VAL A 126 5.22 -28.77 -1.04
C VAL A 126 4.87 -29.02 -2.49
N VAL A 127 5.02 -28.00 -3.32
CA VAL A 127 4.70 -28.14 -4.72
C VAL A 127 5.93 -27.97 -5.59
N ILE A 128 6.12 -28.90 -6.50
CA ILE A 128 7.25 -28.84 -7.41
C ILE A 128 6.78 -28.89 -8.86
N LYS A 129 7.15 -27.88 -9.63
CA LYS A 129 6.73 -27.80 -11.03
C LYS A 129 7.88 -27.54 -11.97
N VAL A 130 7.77 -28.05 -13.20
CA VAL A 130 8.68 -27.70 -14.27
C VAL A 130 7.91 -27.08 -15.42
N CYS A 131 8.23 -25.83 -15.73
CA CYS A 131 7.49 -25.09 -16.74
C CYS A 131 8.35 -24.00 -17.36
N GLU A 132 7.86 -23.43 -18.47
CA GLU A 132 8.51 -22.28 -19.05
C GLU A 132 8.08 -21.02 -18.30
N PHE A 133 8.55 -20.91 -17.07
CA PHE A 133 8.18 -19.82 -16.18
C PHE A 133 8.83 -18.51 -16.59
N GLN A 134 8.08 -17.43 -16.46
CA GLN A 134 8.65 -16.11 -16.60
C GLN A 134 8.82 -15.51 -15.22
N PHE A 135 10.02 -15.64 -14.67
CA PHE A 135 10.25 -15.28 -13.28
C PHE A 135 10.49 -13.80 -13.10
N CYS A 136 10.17 -13.31 -11.90
CA CYS A 136 10.47 -11.95 -11.48
C CYS A 136 11.96 -11.82 -11.16
N ASN A 137 12.49 -10.61 -11.25
CA ASN A 137 13.89 -10.40 -10.89
C ASN A 137 14.11 -10.58 -9.40
N ASP A 138 13.09 -10.24 -8.62
CA ASP A 138 13.12 -10.39 -7.17
C ASP A 138 11.91 -11.16 -6.67
N PRO A 139 11.85 -12.46 -6.94
CA PRO A 139 10.74 -13.33 -6.65
C PRO A 139 10.62 -13.54 -5.16
N PHE A 140 9.39 -13.61 -4.66
CA PHE A 140 9.17 -13.87 -3.24
C PHE A 140 7.77 -14.36 -2.96
N LEU A 141 7.56 -14.83 -1.73
CA LEU A 141 6.24 -15.18 -1.25
C LEU A 141 5.84 -14.17 -0.20
N GLY A 142 4.69 -13.51 -0.37
CA GLY A 142 4.29 -12.50 0.59
C GLY A 142 3.64 -13.12 1.82
N VAL A 143 3.93 -12.55 2.99
CA VAL A 143 3.28 -12.94 4.23
C VAL A 143 2.87 -11.73 5.04
N TYR A 144 1.89 -11.92 5.92
CA TYR A 144 1.43 -10.85 6.80
C TYR A 144 1.07 -11.39 8.15
N TYR A 145 1.06 -10.50 9.15
CA TYR A 145 0.65 -10.89 10.49
C TYR A 145 -0.83 -10.65 10.63
N HIS A 146 -1.60 -11.72 10.77
CA HIS A 146 -3.04 -11.61 10.79
C HIS A 146 -3.48 -10.94 12.08
N LYS A 147 -4.11 -9.78 11.94
CA LYS A 147 -4.46 -8.94 13.07
C LYS A 147 -5.28 -9.65 14.13
N ASN A 148 -6.29 -10.41 13.72
CA ASN A 148 -7.16 -11.07 14.69
C ASN A 148 -6.64 -12.43 15.17
N ASN A 149 -6.08 -13.22 14.24
CA ASN A 149 -5.62 -14.57 14.56
C ASN A 149 -4.23 -14.58 15.21
N LYS A 150 -3.53 -13.44 15.17
CA LYS A 150 -2.21 -13.26 15.79
C LYS A 150 -1.17 -14.25 15.30
N SER A 151 -1.13 -14.47 14.00
CA SER A 151 -0.16 -15.38 13.42
C SER A 151 0.21 -14.97 12.01
N TRP A 152 1.35 -15.45 11.53
CA TRP A 152 1.79 -15.14 10.19
C TRP A 152 1.11 -16.04 9.17
N MET A 153 0.64 -15.44 8.08
CA MET A 153 -0.06 -16.18 7.04
C MET A 153 0.38 -15.72 5.66
N GLU A 154 0.31 -16.63 4.69
CA GLU A 154 0.62 -16.32 3.30
C GLU A 154 -0.44 -15.41 2.70
N SER A 155 -0.01 -14.50 1.84
CA SER A 155 -0.91 -13.65 1.09
C SER A 155 -0.99 -14.10 -0.37
N GLU A 156 -0.07 -13.60 -1.18
CA GLU A 156 -0.01 -13.97 -2.58
C GLU A 156 1.43 -14.23 -3.01
N PHE A 157 1.58 -15.03 -4.05
CA PHE A 157 2.90 -15.30 -4.60
C PHE A 157 3.30 -14.23 -5.60
N ARG A 158 4.55 -13.81 -5.55
CA ARG A 158 5.11 -12.90 -6.52
C ARG A 158 6.42 -13.47 -7.02
N VAL A 159 6.33 -14.67 -7.58
CA VAL A 159 7.50 -15.41 -8.00
C VAL A 159 7.68 -15.31 -9.50
N TYR A 160 6.59 -15.46 -10.22
CA TYR A 160 6.60 -15.41 -11.68
C TYR A 160 5.37 -14.69 -12.20
N SER A 161 5.49 -14.11 -13.39
CA SER A 161 4.39 -13.44 -14.03
C SER A 161 3.59 -14.38 -14.92
N SER A 162 4.24 -15.44 -15.39
CA SER A 162 3.57 -16.42 -16.23
C SER A 162 4.21 -17.80 -16.12
N ALA A 163 3.48 -18.83 -16.57
CA ALA A 163 3.96 -20.21 -16.59
C ALA A 163 3.48 -20.92 -17.84
N PRO A 174 5.97 -31.27 2.51
CA PRO A 174 6.32 -30.07 3.24
C PRO A 174 7.55 -30.34 4.10
N PHE A 175 8.72 -29.83 3.67
CA PHE A 175 9.99 -30.01 4.38
C PHE A 175 10.68 -28.71 4.81
N LEU A 176 9.92 -27.61 4.93
CA LEU A 176 10.42 -26.33 5.43
C LEU A 176 9.44 -25.74 6.43
N LYS A 187 17.29 -20.73 15.08
CA LYS A 187 17.90 -21.72 15.95
C LYS A 187 18.06 -23.07 15.22
N ASN A 188 17.00 -23.53 14.57
CA ASN A 188 16.99 -24.78 13.80
C ASN A 188 17.72 -24.63 12.48
N LEU A 189 18.71 -25.49 12.25
CA LEU A 189 19.47 -25.46 11.01
C LEU A 189 18.92 -26.47 10.03
N ARG A 190 18.53 -25.98 8.86
CA ARG A 190 18.00 -26.82 7.79
C ARG A 190 19.03 -26.95 6.68
N GLU A 191 19.47 -28.18 6.43
CA GLU A 191 20.56 -28.39 5.47
C GLU A 191 20.11 -29.21 4.26
N PHE A 192 20.45 -28.70 3.06
CA PHE A 192 20.11 -29.38 1.78
C PHE A 192 21.37 -29.42 0.92
N ILE A 235 20.19 -26.85 -15.56
CA ILE A 235 20.31 -25.93 -14.43
C ILE A 235 21.75 -25.40 -14.35
N THR A 236 21.90 -24.08 -14.52
CA THR A 236 23.20 -23.41 -14.43
C THR A 236 23.15 -22.31 -13.40
N ARG A 237 21.95 -21.89 -13.03
CA ARG A 237 21.74 -20.84 -12.05
C ARG A 237 20.57 -21.16 -11.15
N PHE A 238 20.56 -20.59 -9.94
CA PHE A 238 19.41 -20.76 -9.07
C PHE A 238 19.23 -19.54 -8.16
N GLN A 239 18.02 -19.41 -7.62
CA GLN A 239 17.70 -18.30 -6.74
C GLN A 239 16.86 -18.77 -5.56
N THR A 240 17.06 -18.16 -4.39
CA THR A 240 16.35 -18.55 -3.19
C THR A 240 15.05 -17.76 -3.02
N LEU A 241 13.98 -18.46 -2.69
CA LEU A 241 12.69 -17.81 -2.43
C LEU A 241 12.47 -17.61 -0.94
N LEU A 242 12.29 -16.36 -0.54
CA LEU A 242 12.12 -16.01 0.85
C LEU A 242 10.72 -15.46 1.12
N ALA A 243 10.23 -15.67 2.33
CA ALA A 243 8.96 -15.09 2.76
C ALA A 243 9.18 -13.66 3.19
N LEU A 244 8.53 -12.74 2.50
CA LEU A 244 8.75 -11.33 2.72
C LEU A 244 7.56 -10.69 3.42
N HIS A 245 7.82 -10.09 4.58
CA HIS A 245 6.76 -9.43 5.34
C HIS A 245 6.23 -8.24 4.55
N ARG A 246 4.92 -8.05 4.55
CA ARG A 246 4.34 -6.93 3.81
C ARG A 246 4.82 -5.60 4.35
N SER A 247 5.30 -5.58 5.58
CA SER A 247 5.80 -4.37 6.20
C SER A 247 7.02 -3.84 5.45
N TYR A 248 7.61 -4.68 4.61
CA TYR A 248 8.76 -4.30 3.80
C TYR A 248 8.32 -3.72 2.48
N LEU A 249 7.05 -3.92 2.15
CA LEU A 249 6.53 -3.54 0.84
C LEU A 249 5.86 -2.17 0.88
N THR A 250 6.09 -1.45 1.96
CA THR A 250 5.65 -0.06 2.04
C THR A 250 6.49 0.73 1.05
N PRO A 251 5.97 1.83 0.51
CA PRO A 251 6.59 2.69 -0.48
C PRO A 251 7.73 3.57 0.04
N GLY A 252 7.92 3.60 1.36
CA GLY A 252 9.00 4.41 1.93
C GLY A 252 10.32 3.66 1.90
N ASP A 253 11.41 4.33 2.31
CA ASP A 253 12.72 3.68 2.29
C ASP A 253 13.09 3.04 3.63
N SER A 254 12.14 2.95 4.55
CA SER A 254 12.44 2.39 5.86
C SER A 254 11.31 1.53 6.40
N SER A 255 11.63 0.67 7.37
CA SER A 255 10.68 -0.21 8.03
C SER A 255 11.11 -0.54 9.46
N ALA A 263 16.70 -13.43 8.06
CA ALA A 263 16.79 -13.75 6.64
C ALA A 263 18.26 -13.91 6.22
N ALA A 264 18.84 -15.06 6.56
CA ALA A 264 20.24 -15.37 6.23
C ALA A 264 20.38 -16.84 5.87
N TYR A 265 21.29 -17.13 4.95
CA TYR A 265 21.53 -18.50 4.53
C TYR A 265 22.93 -18.65 3.96
N TYR A 266 23.34 -19.91 3.78
CA TYR A 266 24.67 -20.25 3.29
C TYR A 266 24.55 -21.03 1.99
N VAL A 267 25.56 -20.92 1.12
CA VAL A 267 25.61 -21.69 -0.13
C VAL A 267 27.01 -22.26 -0.32
N TYR B 1 -11.33 -6.71 -0.71
CA TYR B 1 -10.57 -5.58 -0.09
C TYR B 1 -11.46 -4.33 -0.01
N GLU B 2 -12.74 -4.46 -0.35
CA GLU B 2 -13.67 -3.34 -0.27
C GLU B 2 -14.00 -2.97 1.17
N LEU B 3 -14.24 -1.69 1.40
CA LEU B 3 -14.60 -1.20 2.73
C LEU B 3 -15.98 -0.60 2.73
N THR B 4 -16.85 -1.09 3.60
CA THR B 4 -18.22 -0.61 3.67
C THR B 4 -18.50 0.12 4.97
N GLN B 5 -19.03 1.33 4.84
CA GLN B 5 -19.42 2.13 5.99
C GLN B 5 -20.70 2.88 5.63
N PRO B 6 -21.57 3.17 6.60
CA PRO B 6 -22.85 3.83 6.43
C PRO B 6 -22.64 5.23 5.89
N PRO B 7 -23.57 5.73 5.07
CA PRO B 7 -23.53 7.03 4.43
C PRO B 7 -23.62 8.17 5.43
N SER B 8 -24.20 7.93 6.59
CA SER B 8 -24.34 8.98 7.58
C SER B 8 -24.61 8.47 8.98
N VAL B 9 -24.25 9.29 9.96
CA VAL B 9 -24.57 9.08 11.36
C VAL B 9 -25.12 10.36 11.97
N SER B 10 -26.22 10.26 12.71
CA SER B 10 -26.82 11.42 13.35
C SER B 10 -26.63 11.37 14.86
N VAL B 11 -25.93 12.35 15.40
CA VAL B 11 -25.64 12.39 16.82
C VAL B 11 -25.93 13.78 17.39
N SER B 12 -26.56 13.84 18.56
CA SER B 12 -26.79 15.11 19.21
C SER B 12 -25.51 15.54 19.92
N PRO B 13 -25.23 16.84 20.02
CA PRO B 13 -24.07 17.38 20.68
C PRO B 13 -24.06 16.90 22.12
N GLY B 14 -22.92 16.40 22.56
CA GLY B 14 -22.77 15.86 23.91
C GLY B 14 -22.88 14.33 23.93
N GLN B 15 -23.40 13.74 22.85
CA GLN B 15 -23.52 12.29 22.78
C GLN B 15 -22.28 11.66 22.17
N THR B 16 -22.24 10.33 22.15
CA THR B 16 -21.13 9.61 21.55
C THR B 16 -21.50 9.06 20.19
N ALA B 17 -20.70 9.39 19.19
CA ALA B 17 -20.94 8.90 17.83
C ALA B 17 -20.11 7.66 17.56
N ARG B 18 -20.72 6.65 16.99
CA ARG B 18 -20.00 5.44 16.65
C ARG B 18 -20.10 5.14 15.17
N ILE B 19 -19.01 5.38 14.46
CA ILE B 19 -18.95 5.22 13.01
C ILE B 19 -18.25 3.92 12.68
N THR B 20 -18.97 3.01 12.05
CA THR B 20 -18.42 1.69 11.78
C THR B 20 -17.94 1.55 10.34
N CYS B 21 -17.07 0.57 10.12
CA CYS B 21 -16.58 0.18 8.80
C CYS B 21 -16.30 -1.32 8.77
N SER B 22 -16.75 -2.00 7.74
CA SER B 22 -16.58 -3.45 7.69
C SER B 22 -16.04 -3.94 6.36
N GLY B 23 -15.39 -5.10 6.42
CA GLY B 23 -14.88 -5.77 5.24
C GLY B 23 -13.92 -6.87 5.65
N ASP B 24 -13.77 -7.90 4.82
CA ASP B 24 -12.95 -9.05 5.16
C ASP B 24 -11.52 -8.66 5.44
N ALA B 25 -11.03 -7.67 4.71
CA ALA B 25 -9.65 -7.22 4.84
C ALA B 25 -9.37 -6.66 6.22
N LEU B 26 -10.40 -6.19 6.90
CA LEU B 26 -10.23 -5.52 8.17
C LEU B 26 -9.97 -6.50 9.30
N ALA B 27 -10.17 -7.78 9.03
CA ALA B 27 -9.86 -8.80 10.02
C ALA B 27 -8.41 -9.20 9.91
N LYS B 28 -7.77 -8.76 8.83
CA LYS B 28 -6.40 -9.14 8.54
C LYS B 28 -5.45 -8.01 8.83
N HIS B 29 -5.84 -6.80 8.47
CA HIS B 29 -4.98 -5.64 8.56
C HIS B 29 -5.59 -4.53 9.39
N TYR B 30 -4.76 -3.55 9.74
CA TYR B 30 -5.21 -2.40 10.52
C TYR B 30 -6.02 -1.42 9.69
N ALA B 31 -6.97 -0.75 10.33
CA ALA B 31 -7.72 0.32 9.71
C ALA B 31 -7.16 1.68 10.11
N TYR B 32 -7.36 2.65 9.25
CA TYR B 32 -6.98 4.02 9.56
C TYR B 32 -8.16 4.94 9.32
N TRP B 33 -8.36 5.92 10.18
CA TRP B 33 -9.51 6.81 10.03
C TRP B 33 -9.09 8.23 9.72
N TYR B 34 -9.79 8.84 8.77
CA TYR B 34 -9.56 10.23 8.40
C TYR B 34 -10.78 11.08 8.63
N ARG B 35 -10.55 12.34 8.95
CA ARG B 35 -11.61 13.33 9.08
C ARG B 35 -11.43 14.44 8.08
N GLN B 36 -12.42 14.64 7.23
CA GLN B 36 -12.34 15.68 6.22
C GLN B 36 -13.43 16.72 6.37
N LYS B 37 -13.03 17.97 6.44
CA LYS B 37 -13.98 19.07 6.47
C LYS B 37 -14.01 19.70 5.08
N PRO B 38 -15.13 20.28 4.66
CA PRO B 38 -15.32 20.90 3.37
C PRO B 38 -14.20 21.89 3.07
N GLY B 39 -13.61 21.76 1.89
CA GLY B 39 -12.57 22.67 1.45
C GLY B 39 -11.18 22.31 1.99
N GLN B 40 -11.09 21.24 2.77
CA GLN B 40 -9.82 20.85 3.36
C GLN B 40 -9.41 19.44 2.98
N ALA B 41 -8.10 19.19 3.03
CA ALA B 41 -7.58 17.84 2.84
C ALA B 41 -7.92 16.99 4.06
N PRO B 42 -8.08 15.68 3.90
CA PRO B 42 -8.29 14.70 4.95
C PRO B 42 -7.20 14.75 6.02
N VAL B 43 -7.61 14.64 7.27
CA VAL B 43 -6.69 14.64 8.40
C VAL B 43 -6.76 13.34 9.17
N LEU B 44 -5.62 12.70 9.38
CA LEU B 44 -5.60 11.43 10.11
C LEU B 44 -6.06 11.62 11.54
N VAL B 45 -7.01 10.79 11.96
CA VAL B 45 -7.54 10.86 13.32
C VAL B 45 -7.09 9.65 14.14
N ILE B 46 -7.22 8.46 13.55
CA ILE B 46 -6.83 7.22 14.20
C ILE B 46 -6.00 6.34 13.28
N TYR B 47 -4.98 5.71 13.83
CA TYR B 47 -4.20 4.74 13.06
C TYR B 47 -4.00 3.46 13.85
N LYS B 48 -3.75 2.37 13.16
CA LYS B 48 -3.63 1.07 13.82
C LYS B 48 -4.85 0.79 14.69
N ASP B 49 -6.04 1.07 14.14
CA ASP B 49 -7.32 0.85 14.81
C ASP B 49 -7.61 1.75 15.99
N SER B 50 -6.66 1.92 16.92
CA SER B 50 -6.96 2.63 18.16
C SER B 50 -5.96 3.69 18.61
N GLU B 51 -4.95 3.99 17.81
CA GLU B 51 -3.94 4.97 18.24
C GLU B 51 -4.21 6.37 17.68
N ARG B 52 -3.92 7.39 18.49
CA ARG B 52 -4.07 8.78 18.04
C ARG B 52 -2.72 9.42 17.68
N PRO B 53 -2.72 10.30 16.69
CA PRO B 53 -1.71 11.31 16.42
C PRO B 53 -1.67 12.32 17.56
N SER B 54 -0.55 13.02 17.70
CA SER B 54 -0.39 14.00 18.77
C SER B 54 -1.32 15.21 18.63
N GLY B 55 -1.88 15.41 17.44
CA GLY B 55 -2.76 16.54 17.20
C GLY B 55 -4.24 16.20 17.41
N ILE B 56 -4.51 14.99 17.86
CA ILE B 56 -5.88 14.52 18.04
C ILE B 56 -6.19 14.30 19.53
N PRO B 57 -7.26 14.92 20.05
CA PRO B 57 -7.70 14.89 21.43
C PRO B 57 -8.25 13.54 21.86
N GLU B 58 -8.24 13.31 23.16
CA GLU B 58 -8.64 12.04 23.77
C GLU B 58 -10.09 11.67 23.55
N ARG B 59 -10.88 12.58 22.97
CA ARG B 59 -12.27 12.29 22.69
C ARG B 59 -12.39 11.25 21.58
N PHE B 60 -11.33 11.09 20.82
CA PHE B 60 -11.32 10.12 19.71
C PHE B 60 -10.66 8.83 20.13
N SER B 61 -11.36 7.72 19.95
CA SER B 61 -10.82 6.41 20.26
C SER B 61 -11.31 5.41 19.24
N GLY B 62 -10.68 4.25 19.19
CA GLY B 62 -11.09 3.25 18.24
C GLY B 62 -11.04 1.84 18.83
N SER B 63 -11.72 0.94 18.16
CA SER B 63 -11.77 -0.47 18.56
C SER B 63 -12.05 -1.34 17.35
N SER B 64 -11.87 -2.65 17.52
CA SER B 64 -12.14 -3.56 16.42
C SER B 64 -12.62 -4.92 16.92
N SER B 65 -13.40 -5.59 16.08
CA SER B 65 -13.86 -6.94 16.35
C SER B 65 -14.23 -7.65 15.06
N GLY B 66 -13.57 -8.77 14.80
CA GLY B 66 -13.83 -9.52 13.58
C GLY B 66 -13.49 -8.69 12.35
N THR B 67 -14.47 -8.51 11.47
CA THR B 67 -14.29 -7.76 10.23
C THR B 67 -14.76 -6.32 10.34
N THR B 68 -15.12 -5.90 11.55
CA THR B 68 -15.62 -4.55 11.74
C THR B 68 -14.70 -3.72 12.62
N VAL B 69 -14.50 -2.46 12.22
CA VAL B 69 -13.76 -1.51 13.03
C VAL B 69 -14.67 -0.33 13.33
N THR B 70 -14.47 0.29 14.49
CA THR B 70 -15.33 1.41 14.88
C THR B 70 -14.51 2.61 15.35
N LEU B 71 -14.93 3.78 14.88
CA LEU B 71 -14.40 5.05 15.38
C LEU B 71 -15.39 5.64 16.36
N THR B 72 -14.95 5.82 17.60
CA THR B 72 -15.84 6.34 18.64
C THR B 72 -15.46 7.76 19.00
N ILE B 73 -16.42 8.66 18.92
CA ILE B 73 -16.18 10.06 19.23
C ILE B 73 -17.07 10.49 20.39
N SER B 74 -16.47 10.72 21.56
CA SER B 74 -17.27 11.10 22.71
C SER B 74 -17.37 12.61 22.83
N GLY B 75 -18.39 13.10 23.52
CA GLY B 75 -18.51 14.52 23.76
C GLY B 75 -18.57 15.29 22.45
N VAL B 76 -19.32 14.76 21.48
CA VAL B 76 -19.33 15.32 20.14
C VAL B 76 -19.73 16.79 20.14
N GLN B 77 -18.94 17.61 19.44
CA GLN B 77 -19.20 19.04 19.33
C GLN B 77 -19.51 19.42 17.89
N ALA B 78 -19.83 20.69 17.67
CA ALA B 78 -20.15 21.18 16.33
C ALA B 78 -18.94 21.02 15.40
N GLU B 79 -17.76 21.16 15.96
CA GLU B 79 -16.51 21.09 15.20
C GLU B 79 -16.23 19.69 14.64
N ASP B 80 -16.98 18.70 15.10
CA ASP B 80 -16.78 17.33 14.67
C ASP B 80 -17.67 16.97 13.48
N GLU B 81 -18.43 17.93 13.00
CA GLU B 81 -19.34 17.68 11.89
C GLU B 81 -18.56 17.61 10.59
N ALA B 82 -18.10 16.41 10.27
CA ALA B 82 -17.19 16.18 9.15
C ALA B 82 -17.42 14.82 8.53
N ASP B 83 -16.82 14.60 7.36
CA ASP B 83 -16.90 13.31 6.68
C ASP B 83 -15.76 12.41 7.12
N TYR B 84 -16.11 11.27 7.72
CA TYR B 84 -15.10 10.35 8.23
C TYR B 84 -14.93 9.17 7.29
N TYR B 85 -13.68 8.80 7.05
CA TYR B 85 -13.39 7.70 6.15
C TYR B 85 -12.57 6.62 6.83
N CYS B 86 -12.83 5.36 6.47
CA CYS B 86 -11.97 4.25 6.87
C CYS B 86 -11.05 3.91 5.71
N GLN B 87 -9.80 3.63 6.03
CA GLN B 87 -8.79 3.33 5.02
C GLN B 87 -8.01 2.08 5.38
N SER B 88 -7.57 1.36 4.36
CA SER B 88 -6.71 0.20 4.54
C SER B 88 -5.92 -0.05 3.27
N ALA B 89 -5.09 -1.09 3.30
CA ALA B 89 -4.28 -1.48 2.15
C ALA B 89 -4.31 -2.98 2.01
N ASP B 90 -3.99 -3.48 0.82
CA ASP B 90 -4.05 -4.92 0.59
C ASP B 90 -2.85 -5.64 1.18
N SER B 91 -2.81 -6.95 0.97
CA SER B 91 -1.84 -7.80 1.65
C SER B 91 -0.48 -7.78 0.99
N ILE B 92 -0.40 -7.19 -0.20
CA ILE B 92 0.84 -7.15 -0.94
C ILE B 92 1.37 -5.72 -1.09
N GLY B 93 0.57 -4.75 -0.67
CA GLY B 93 1.00 -3.35 -0.70
C GLY B 93 0.92 -2.75 -2.09
N SER B 94 0.01 -3.25 -2.91
CA SER B 94 -0.11 -2.77 -4.29
C SER B 94 -1.33 -1.89 -4.47
N SER B 95 -2.19 -1.86 -3.46
CA SER B 95 -3.44 -1.12 -3.57
C SER B 95 -3.90 -0.57 -2.23
N TRP B 96 -4.40 0.66 -2.27
CA TRP B 96 -4.97 1.32 -1.12
C TRP B 96 -6.46 1.56 -1.34
N VAL B 97 -7.24 1.40 -0.28
CA VAL B 97 -8.69 1.51 -0.39
C VAL B 97 -9.31 2.39 0.68
N PHE B 98 -10.28 3.20 0.28
CA PHE B 98 -11.08 3.99 1.21
C PHE B 98 -12.52 3.51 1.19
N GLY B 99 -13.21 3.66 2.30
CA GLY B 99 -14.64 3.39 2.34
C GLY B 99 -15.40 4.54 1.70
N GLY B 100 -16.71 4.39 1.57
CA GLY B 100 -17.52 5.43 0.92
C GLY B 100 -17.45 6.77 1.65
N GLY B 101 -17.36 6.70 2.97
CA GLY B 101 -17.30 7.90 3.79
C GLY B 101 -18.62 8.12 4.53
N THR B 102 -18.51 8.45 5.80
CA THR B 102 -19.68 8.67 6.64
C THR B 102 -19.82 10.13 7.00
N LYS B 103 -20.96 10.73 6.69
CA LYS B 103 -21.18 12.10 7.08
C LYS B 103 -21.78 12.16 8.47
N LEU B 104 -21.03 12.74 9.40
CA LEU B 104 -21.49 12.81 10.78
C LEU B 104 -22.20 14.13 11.02
N THR B 105 -23.49 14.05 11.31
CA THR B 105 -24.30 15.23 11.56
C THR B 105 -24.45 15.42 13.06
N VAL B 106 -24.12 16.61 13.57
CA VAL B 106 -24.14 16.89 15.00
C VAL B 106 -25.53 17.35 15.43
N VAL C 1 6.83 20.22 6.80
CA VAL C 1 6.38 19.46 5.64
C VAL C 1 5.28 20.23 4.90
N GLN C 2 5.54 20.58 3.64
CA GLN C 2 4.58 21.26 2.78
C GLN C 2 4.50 20.60 1.41
N LEU C 3 3.29 20.36 0.95
CA LEU C 3 3.05 19.78 -0.38
C LEU C 3 2.17 20.72 -1.19
N VAL C 4 2.66 21.14 -2.35
CA VAL C 4 1.92 22.09 -3.18
C VAL C 4 1.60 21.55 -4.56
N GLU C 5 0.32 21.33 -4.83
CA GLU C 5 -0.11 20.87 -6.14
C GLU C 5 -0.25 22.01 -7.14
N SER C 6 0.00 21.70 -8.41
CA SER C 6 -0.24 22.65 -9.49
C SER C 6 -0.46 21.92 -10.81
N GLY C 7 -0.90 22.65 -11.84
CA GLY C 7 -1.06 22.07 -13.17
C GLY C 7 -2.50 21.67 -13.48
N GLY C 8 -3.40 21.90 -12.54
CA GLY C 8 -4.80 21.56 -12.75
C GLY C 8 -5.44 22.51 -13.75
N GLY C 9 -6.55 22.09 -14.35
CA GLY C 9 -7.24 22.91 -15.34
C GLY C 9 -8.41 22.18 -15.95
N VAL C 10 -8.93 22.72 -17.05
CA VAL C 10 -10.09 22.15 -17.72
C VAL C 10 -9.72 21.64 -19.10
N VAL C 11 -9.99 20.37 -19.35
CA VAL C 11 -9.68 19.75 -20.64
C VAL C 11 -10.86 18.99 -21.21
N GLN C 12 -10.80 18.71 -22.51
CA GLN C 12 -11.80 17.87 -23.15
C GLN C 12 -11.43 16.40 -22.99
N PRO C 13 -12.41 15.50 -23.02
CA PRO C 13 -12.22 14.07 -23.04
C PRO C 13 -11.30 13.67 -24.18
N GLY C 14 -10.33 12.82 -23.89
CA GLY C 14 -9.38 12.36 -24.88
C GLY C 14 -8.07 13.13 -24.82
N ARG C 15 -8.09 14.28 -24.16
CA ARG C 15 -6.88 15.09 -24.02
C ARG C 15 -6.10 14.68 -22.78
N SER C 16 -4.87 15.18 -22.68
CA SER C 16 -4.01 14.85 -21.55
C SER C 16 -3.74 16.08 -20.69
N LEU C 17 -3.46 15.84 -19.41
CA LEU C 17 -3.11 16.90 -18.47
C LEU C 17 -2.05 16.40 -17.49
N ARG C 18 -1.07 17.25 -17.21
CA ARG C 18 0.00 16.85 -16.29
C ARG C 18 -0.04 17.63 -14.98
N LEU C 19 -0.10 16.91 -13.88
CA LEU C 19 -0.09 17.54 -12.56
C LEU C 19 1.28 17.47 -11.93
N SER C 20 1.57 18.40 -11.05
CA SER C 20 2.83 18.44 -10.33
C SER C 20 2.61 18.80 -8.87
N CYS C 21 3.37 18.14 -7.97
CA CYS C 21 3.33 18.41 -6.54
C CYS C 21 4.74 18.68 -6.01
N ALA C 22 4.98 19.92 -5.63
CA ALA C 22 6.29 20.32 -5.14
C ALA C 22 6.36 20.05 -3.64
N ALA C 23 7.42 19.38 -3.21
CA ALA C 23 7.57 19.04 -1.81
C ALA C 23 8.70 19.81 -1.17
N SER C 24 8.50 20.19 0.09
CA SER C 24 9.55 20.85 0.86
C SER C 24 9.42 20.54 2.34
N GLY C 25 10.51 20.74 3.08
CA GLY C 25 10.51 20.59 4.53
C GLY C 25 10.92 19.20 4.98
N PHE C 26 11.20 18.30 4.03
CA PHE C 26 11.58 16.95 4.39
C PHE C 26 12.43 16.29 3.31
N THR C 27 13.04 15.16 3.67
CA THR C 27 13.86 14.41 2.73
C THR C 27 12.97 13.67 1.74
N PHE C 28 12.58 14.38 0.70
CA PHE C 28 11.66 13.86 -0.31
C PHE C 28 12.05 12.48 -0.80
N SER C 29 13.35 12.29 -1.02
CA SER C 29 13.88 11.05 -1.58
C SER C 29 13.70 9.81 -0.69
N SER C 30 13.29 10.03 0.56
CA SER C 30 13.08 8.93 1.49
C SER C 30 11.63 8.50 1.61
N TYR C 31 10.72 9.26 1.00
CA TYR C 31 9.31 8.96 1.18
C TYR C 31 8.63 8.59 -0.12
N GLY C 32 7.70 7.65 -0.02
CA GLY C 32 6.85 7.32 -1.14
C GLY C 32 5.74 8.35 -1.24
N MET C 33 5.15 8.48 -2.42
CA MET C 33 4.10 9.47 -2.61
C MET C 33 2.86 8.88 -3.26
N HIS C 34 1.72 9.43 -2.90
CA HIS C 34 0.44 8.98 -3.40
C HIS C 34 -0.34 10.10 -4.08
N TRP C 35 -1.18 9.73 -5.02
CA TRP C 35 -2.22 10.62 -5.49
C TRP C 35 -3.58 10.06 -5.13
N VAL C 36 -4.43 10.91 -4.60
CA VAL C 36 -5.80 10.55 -4.22
C VAL C 36 -6.75 11.56 -4.84
N ARG C 37 -7.85 11.10 -5.40
CA ARG C 37 -8.76 12.04 -6.03
C ARG C 37 -10.15 11.97 -5.43
N GLN C 38 -10.80 13.12 -5.38
CA GLN C 38 -12.14 13.19 -4.84
C GLN C 38 -13.08 13.95 -5.74
N ALA C 39 -13.97 13.24 -6.41
CA ALA C 39 -14.98 13.90 -7.24
C ALA C 39 -15.92 14.67 -6.32
N PRO C 40 -16.42 15.83 -6.73
CA PRO C 40 -17.36 16.64 -5.99
C PRO C 40 -18.54 15.81 -5.54
N GLY C 41 -18.84 15.85 -4.24
CA GLY C 41 -19.97 15.12 -3.67
C GLY C 41 -19.66 13.65 -3.41
N LYS C 42 -18.44 13.23 -3.72
CA LYS C 42 -18.05 11.83 -3.56
C LYS C 42 -16.97 11.66 -2.49
N GLY C 43 -16.63 10.41 -2.20
CA GLY C 43 -15.62 10.11 -1.20
C GLY C 43 -14.23 10.08 -1.82
N LEU C 44 -13.25 9.63 -1.03
CA LEU C 44 -11.86 9.60 -1.48
C LEU C 44 -11.56 8.33 -2.27
N GLU C 45 -10.94 8.49 -3.42
CA GLU C 45 -10.50 7.34 -4.20
C GLU C 45 -9.01 7.38 -4.44
N TRP C 46 -8.32 6.32 -4.03
CA TRP C 46 -6.88 6.25 -4.24
C TRP C 46 -6.58 6.03 -5.71
N VAL C 47 -5.60 6.77 -6.24
CA VAL C 47 -5.29 6.69 -7.66
C VAL C 47 -4.00 5.94 -7.94
N THR C 48 -2.92 6.35 -7.29
CA THR C 48 -1.61 5.77 -7.60
C THR C 48 -0.56 6.05 -6.54
N VAL C 49 0.44 5.16 -6.46
CA VAL C 49 1.58 5.31 -5.57
C VAL C 49 2.89 5.13 -6.30
N ILE C 50 3.89 5.90 -5.91
CA ILE C 50 5.24 5.69 -6.39
C ILE C 50 6.20 5.56 -5.21
N TRP C 51 7.11 4.60 -5.30
CA TRP C 51 8.07 4.37 -4.23
C TRP C 51 9.12 5.46 -4.16
N TYR C 52 9.75 5.59 -3.01
CA TYR C 52 10.74 6.62 -2.75
C TYR C 52 11.80 6.76 -3.85
N ASP C 53 12.22 5.65 -4.45
CA ASP C 53 13.25 5.71 -5.47
C ASP C 53 12.70 5.51 -6.87
N GLY C 54 11.38 5.44 -6.97
CA GLY C 54 10.72 5.26 -8.25
C GLY C 54 10.80 3.82 -8.75
N SER C 55 11.32 2.92 -7.93
CA SER C 55 11.52 1.53 -8.36
C SER C 55 10.22 0.82 -8.63
N ASN C 56 9.16 1.19 -7.91
CA ASN C 56 7.86 0.58 -8.10
C ASN C 56 6.77 1.62 -8.14
N ARG C 57 5.75 1.34 -8.94
CA ARG C 57 4.57 2.18 -8.98
C ARG C 57 3.33 1.35 -9.24
N TYR C 58 2.25 1.68 -8.55
CA TYR C 58 1.00 0.94 -8.68
C TYR C 58 -0.16 1.88 -8.95
N TYR C 59 -1.16 1.38 -9.65
CA TYR C 59 -2.31 2.20 -10.03
C TYR C 59 -3.61 1.52 -9.65
N ALA C 60 -4.63 2.33 -9.39
CA ALA C 60 -5.98 1.84 -9.23
C ALA C 60 -6.45 1.30 -10.58
N ASP C 61 -7.32 0.29 -10.55
CA ASP C 61 -7.79 -0.31 -11.80
C ASP C 61 -8.46 0.72 -12.70
N SER C 62 -9.15 1.68 -12.10
CA SER C 62 -9.91 2.67 -12.86
C SER C 62 -9.05 3.61 -13.71
N VAL C 63 -7.75 3.68 -13.42
CA VAL C 63 -6.87 4.55 -14.16
C VAL C 63 -5.70 3.78 -14.76
N LYS C 64 -5.75 2.46 -14.66
CA LYS C 64 -4.63 1.64 -15.06
C LYS C 64 -4.46 1.67 -16.57
N GLY C 65 -3.25 1.95 -17.01
CA GLY C 65 -2.95 1.99 -18.44
C GLY C 65 -3.13 3.38 -19.02
N ARG C 66 -3.68 4.31 -18.23
CA ARG C 66 -3.90 5.66 -18.71
C ARG C 66 -3.04 6.66 -17.96
N PHE C 67 -2.91 6.48 -16.66
CA PHE C 67 -2.14 7.41 -15.85
C PHE C 67 -0.70 6.91 -15.68
N THR C 68 0.24 7.84 -15.66
CA THR C 68 1.63 7.52 -15.39
C THR C 68 2.18 8.38 -14.26
N ILE C 69 2.78 7.74 -13.26
CA ILE C 69 3.34 8.47 -12.14
C ILE C 69 4.86 8.43 -12.19
N SER C 70 5.47 9.58 -11.95
CA SER C 70 6.92 9.69 -11.93
C SER C 70 7.36 10.75 -10.95
N ARG C 71 8.65 10.75 -10.62
CA ARG C 71 9.16 11.72 -9.68
C ARG C 71 10.60 12.09 -10.00
N ASP C 72 10.96 13.33 -9.72
CA ASP C 72 12.34 13.77 -9.85
C ASP C 72 12.90 14.16 -8.48
N ASN C 73 13.73 13.29 -7.93
CA ASN C 73 14.21 13.48 -6.57
C ASN C 73 15.25 14.59 -6.48
N SER C 74 15.69 15.09 -7.63
CA SER C 74 16.66 16.17 -7.65
C SER C 74 15.97 17.53 -7.68
N LYS C 75 14.64 17.51 -7.84
CA LYS C 75 13.85 18.72 -7.87
C LYS C 75 12.79 18.69 -6.79
N ASN C 76 12.81 17.63 -5.99
CA ASN C 76 11.82 17.42 -4.94
C ASN C 76 10.41 17.55 -5.51
N THR C 77 10.19 17.02 -6.71
CA THR C 77 8.91 17.20 -7.36
C THR C 77 8.29 15.90 -7.84
N LEU C 78 7.02 15.73 -7.51
CA LEU C 78 6.22 14.58 -7.91
C LEU C 78 5.35 14.93 -9.12
N TYR C 79 5.29 14.04 -10.09
CA TYR C 79 4.48 14.30 -11.28
C TYR C 79 3.42 13.23 -11.52
N LEU C 80 2.30 13.64 -12.10
CA LEU C 80 1.30 12.70 -12.58
C LEU C 80 0.83 13.07 -13.97
N GLN C 81 1.09 12.18 -14.91
CA GLN C 81 0.69 12.40 -16.30
C GLN C 81 -0.58 11.64 -16.59
N MET C 82 -1.66 12.37 -16.87
CA MET C 82 -2.93 11.72 -17.10
C MET C 82 -3.29 11.78 -18.58
N ASP C 83 -3.26 10.63 -19.24
CA ASP C 83 -3.56 10.58 -20.67
C ASP C 83 -4.96 10.05 -20.88
N SER C 84 -5.54 10.37 -22.03
CA SER C 84 -6.86 9.86 -22.38
C SER C 84 -7.84 10.08 -21.25
N LEU C 85 -7.93 11.32 -20.78
CA LEU C 85 -8.86 11.68 -19.71
C LEU C 85 -10.30 11.55 -20.14
N ARG C 86 -11.15 11.13 -19.21
CA ARG C 86 -12.57 10.98 -19.47
C ARG C 86 -13.37 11.81 -18.47
N ALA C 87 -14.65 12.02 -18.75
CA ALA C 87 -15.50 12.84 -17.89
C ALA C 87 -15.50 12.33 -16.46
N GLU C 88 -15.39 11.01 -16.30
CA GLU C 88 -15.41 10.36 -15.00
C GLU C 88 -14.20 10.70 -14.15
N ASP C 89 -13.19 11.32 -14.75
CA ASP C 89 -11.95 11.64 -14.04
C ASP C 89 -12.01 13.03 -13.40
N THR C 90 -13.15 13.70 -13.50
CA THR C 90 -13.28 15.00 -12.86
C THR C 90 -13.21 14.83 -11.35
N ALA C 91 -12.24 15.51 -10.74
CA ALA C 91 -12.03 15.36 -9.31
C ALA C 91 -10.99 16.35 -8.81
N VAL C 92 -10.94 16.53 -7.50
CA VAL C 92 -9.83 17.24 -6.89
C VAL C 92 -8.71 16.27 -6.59
N TYR C 93 -7.54 16.52 -7.17
CA TYR C 93 -6.42 15.62 -7.03
C TYR C 93 -5.45 16.09 -5.97
N TYR C 94 -5.29 15.27 -4.95
CA TYR C 94 -4.39 15.57 -3.84
C TYR C 94 -3.13 14.75 -3.99
N CYS C 95 -1.99 15.33 -3.61
CA CYS C 95 -0.78 14.56 -3.40
C CYS C 95 -0.62 14.33 -1.91
N ALA C 96 -0.13 13.17 -1.53
CA ALA C 96 0.01 12.86 -0.12
C ALA C 96 1.27 12.05 0.12
N ARG C 97 1.87 12.26 1.27
CA ARG C 97 3.08 11.55 1.63
C ARG C 97 2.76 10.28 2.37
N ALA C 98 3.41 9.19 1.98
CA ALA C 98 3.25 7.95 2.71
C ALA C 98 3.98 8.08 4.03
N VAL C 99 3.37 7.58 5.09
CA VAL C 99 4.06 7.55 6.38
C VAL C 99 5.17 6.52 6.32
N ALA C 100 6.33 6.85 6.85
CA ALA C 100 7.43 5.90 6.81
C ALA C 100 7.13 4.72 7.73
N GLY C 101 7.25 3.52 7.18
CA GLY C 101 7.11 2.29 7.96
C GLY C 101 5.65 1.84 8.15
N GLU C 102 4.71 2.53 7.53
CA GLU C 102 3.30 2.18 7.70
C GLU C 102 2.46 2.42 6.45
N TRP C 103 1.17 2.06 6.53
CA TRP C 103 0.31 2.07 5.30
C TRP C 103 -0.68 3.23 5.25
N TYR C 104 -0.52 4.25 6.06
CA TYR C 104 -1.42 5.39 5.96
C TYR C 104 -0.73 6.61 5.39
N PHE C 105 -1.52 7.66 5.18
CA PHE C 105 -1.03 8.91 4.60
C PHE C 105 -1.01 9.97 5.68
N ASP C 106 0.18 10.51 5.99
CA ASP C 106 0.27 11.45 7.10
C ASP C 106 0.09 12.90 6.65
N TYR C 107 0.85 13.33 5.66
CA TYR C 107 0.75 14.69 5.17
C TYR C 107 0.06 14.77 3.82
N TRP C 108 -0.81 15.78 3.70
CA TRP C 108 -1.57 16.00 2.48
C TRP C 108 -1.32 17.40 1.94
N GLY C 109 -1.44 17.56 0.64
CA GLY C 109 -1.40 18.88 0.02
C GLY C 109 -2.77 19.52 0.09
N GLN C 110 -3.01 20.53 -0.74
CA GLN C 110 -4.28 21.25 -0.70
C GLN C 110 -5.22 20.71 -1.76
N GLY C 111 -4.64 20.16 -2.80
CA GLY C 111 -5.39 19.56 -3.90
C GLY C 111 -5.61 20.55 -5.03
N THR C 112 -5.68 20.02 -6.25
CA THR C 112 -5.95 20.85 -7.41
C THR C 112 -7.07 20.22 -8.24
N LEU C 113 -8.01 21.06 -8.66
CA LEU C 113 -9.18 20.57 -9.37
C LEU C 113 -8.93 20.35 -10.84
N VAL C 114 -9.26 19.16 -11.32
CA VAL C 114 -9.18 18.84 -12.74
C VAL C 114 -10.55 18.51 -13.28
N THR C 115 -10.97 19.23 -14.31
CA THR C 115 -12.27 19.02 -14.90
C THR C 115 -12.16 18.52 -16.33
N VAL C 116 -12.89 17.47 -16.64
CA VAL C 116 -12.87 16.93 -17.99
C VAL C 116 -14.27 17.03 -18.60
N SER C 117 -14.38 17.81 -19.70
CA SER C 117 -15.66 18.10 -20.35
C SER C 117 -15.44 18.70 -21.73
#